data_6MB5
#
_entry.id   6MB5
#
_cell.length_a   106.120
_cell.length_b   106.120
_cell.length_c   68.970
_cell.angle_alpha   90.000
_cell.angle_beta   90.000
_cell.angle_gamma   120.000
#
_symmetry.space_group_name_H-M   'P 32 2 1'
#
loop_
_entity.id
_entity.type
_entity.pdbx_description
1 polymer 'Aac(3)-IIIb protein'
2 non-polymer NEOMYCIN
3 water water
#
_entity_poly.entity_id   1
_entity_poly.type   'polypeptide(L)'
_entity_poly.pdbx_seq_one_letter_code
;MTSATASFATRTSLAADLAALGLAWGDAIMVHAAVSRVGRLLDGPDTIIAALRDTVGPGGTVLAYADWEARYEDLVDDAG
RVPPEWREHVPPFDPQRSRAIRDNGVLPEFLRTTPGTLRSGNPGASLVALGAKAEWFTADHPLDYGYGEGSPLAKLVEAG
GKVLMLGAPLDTLTLLHHAEHLADIPGKRIKRIEVPFATPTGTQWRMIEEFDTGDPIVAGLAEDYFAGIVTEFLASGQGR
QGLIGAAPSVLVDAAAITAFGVTWLEKRFGTPSP
;
_entity_poly.pdbx_strand_id   A
#
# COMPACT_ATOMS: atom_id res chain seq x y z
N SER A 7 15.06 -19.86 18.21
CA SER A 7 14.62 -18.67 18.92
C SER A 7 14.99 -17.40 18.17
N PHE A 8 15.35 -17.57 16.90
CA PHE A 8 15.78 -16.43 16.07
C PHE A 8 15.43 -16.73 14.62
N ALA A 9 14.45 -15.99 14.09
CA ALA A 9 14.18 -16.05 12.66
C ALA A 9 15.25 -15.26 11.92
N THR A 10 15.85 -15.88 10.91
CA THR A 10 16.97 -15.29 10.21
C THR A 10 16.57 -14.90 8.78
N ARG A 11 17.50 -14.21 8.12
CA ARG A 11 17.34 -13.90 6.71
C ARG A 11 17.17 -15.16 5.87
N THR A 12 17.80 -16.25 6.28
CA THR A 12 17.70 -17.51 5.55
C THR A 12 16.37 -18.20 5.83
N SER A 13 15.97 -18.29 7.10
CA SER A 13 14.76 -19.03 7.45
C SER A 13 13.51 -18.31 6.94
N LEU A 14 13.51 -16.98 6.95
CA LEU A 14 12.36 -16.25 6.46
C LEU A 14 12.19 -16.42 4.95
N ALA A 15 13.30 -16.38 4.19
CA ALA A 15 13.22 -16.62 2.76
C ALA A 15 12.72 -18.02 2.46
N ALA A 16 13.07 -19.01 3.29
CA ALA A 16 12.54 -20.35 3.12
C ALA A 16 11.03 -20.39 3.37
N ASP A 17 10.57 -19.68 4.39
CA ASP A 17 9.14 -19.60 4.65
C ASP A 17 8.41 -18.89 3.52
N LEU A 18 9.03 -17.84 2.96
CA LEU A 18 8.40 -17.11 1.86
C LEU A 18 8.28 -18.00 0.62
N ALA A 19 9.31 -18.80 0.34
CA ALA A 19 9.25 -19.70 -0.80
C ALA A 19 8.20 -20.78 -0.60
N ALA A 20 8.10 -21.33 0.61
CA ALA A 20 7.09 -22.34 0.89
C ALA A 20 5.68 -21.77 0.78
N LEU A 21 5.52 -20.47 1.01
CA LEU A 21 4.21 -19.84 0.94
C LEU A 21 3.76 -19.62 -0.50
N GLY A 22 4.70 -19.35 -1.40
CA GLY A 22 4.34 -19.18 -2.80
C GLY A 22 5.09 -18.05 -3.50
N LEU A 23 5.81 -17.24 -2.74
CA LEU A 23 6.60 -16.16 -3.35
C LEU A 23 7.69 -16.75 -4.23
N ALA A 24 7.82 -16.23 -5.45
CA ALA A 24 8.61 -16.86 -6.48
C ALA A 24 9.66 -15.90 -7.03
N TRP A 25 10.69 -16.49 -7.64
CA TRP A 25 11.74 -15.77 -8.34
C TRP A 25 11.15 -14.84 -9.39
N GLY A 26 11.51 -13.56 -9.32
CA GLY A 26 11.06 -12.57 -10.27
C GLY A 26 9.74 -11.90 -9.96
N ASP A 27 9.16 -12.17 -8.80
CA ASP A 27 7.85 -11.62 -8.46
C ASP A 27 7.96 -10.16 -8.04
N ALA A 28 6.91 -9.40 -8.32
CA ALA A 28 6.71 -8.08 -7.75
C ALA A 28 5.77 -8.25 -6.56
N ILE A 29 6.29 -8.04 -5.35
CA ILE A 29 5.57 -8.36 -4.13
C ILE A 29 5.35 -7.08 -3.33
N MET A 30 4.10 -6.84 -2.93
CA MET A 30 3.73 -5.74 -2.06
C MET A 30 3.44 -6.29 -0.67
N VAL A 31 4.04 -5.68 0.35
CA VAL A 31 4.11 -6.28 1.68
C VAL A 31 3.34 -5.41 2.69
N HIS A 32 2.47 -6.06 3.45
CA HIS A 32 1.85 -5.47 4.64
C HIS A 32 2.25 -6.35 5.82
N ALA A 33 3.01 -5.78 6.76
CA ALA A 33 3.64 -6.57 7.80
C ALA A 33 3.31 -6.03 9.18
N ALA A 34 3.18 -6.95 10.14
CA ALA A 34 3.14 -6.65 11.56
C ALA A 34 4.41 -7.28 12.14
N VAL A 35 5.47 -6.47 12.23
CA VAL A 35 6.81 -6.99 12.51
C VAL A 35 6.87 -7.71 13.86
N SER A 36 6.04 -7.30 14.82
CA SER A 36 6.08 -7.91 16.14
C SER A 36 5.65 -9.37 16.09
N ARG A 37 4.72 -9.72 15.19
CA ARG A 37 4.19 -11.08 15.13
C ARG A 37 5.12 -12.05 14.43
N VAL A 38 6.09 -11.56 13.65
CA VAL A 38 7.02 -12.45 12.97
C VAL A 38 7.88 -13.21 13.97
N GLY A 39 8.10 -12.64 15.14
CA GLY A 39 8.97 -13.22 16.14
C GLY A 39 10.27 -12.44 16.25
N ARG A 40 11.16 -12.97 17.07
CA ARG A 40 12.43 -12.32 17.33
C ARG A 40 13.32 -12.39 16.09
N LEU A 41 13.72 -11.23 15.58
CA LEU A 41 14.51 -11.12 14.36
C LEU A 41 15.92 -10.66 14.69
N LEU A 42 16.90 -11.15 13.94
CA LEU A 42 18.29 -10.81 14.21
C LEU A 42 18.61 -9.37 13.78
N ASP A 43 17.97 -8.89 12.72
CA ASP A 43 18.21 -7.54 12.23
C ASP A 43 16.95 -6.68 12.27
N GLY A 44 15.92 -7.11 12.99
CA GLY A 44 14.68 -6.38 13.05
C GLY A 44 13.91 -6.47 11.75
N PRO A 45 13.21 -5.38 11.38
CA PRO A 45 12.43 -5.41 10.14
C PRO A 45 13.27 -5.58 8.89
N ASP A 46 14.55 -5.19 8.93
CA ASP A 46 15.40 -5.34 7.75
C ASP A 46 15.65 -6.80 7.40
N THR A 47 15.47 -7.72 8.34
CA THR A 47 15.52 -9.14 8.01
C THR A 47 14.37 -9.52 7.08
N ILE A 48 13.19 -8.95 7.31
CA ILE A 48 12.04 -9.20 6.44
C ILE A 48 12.32 -8.68 5.04
N ILE A 49 12.86 -7.45 4.95
CA ILE A 49 13.15 -6.87 3.64
C ILE A 49 14.21 -7.69 2.91
N ALA A 50 15.26 -8.11 3.62
CA ALA A 50 16.33 -8.87 2.98
C ALA A 50 15.83 -10.22 2.49
N ALA A 51 15.00 -10.90 3.29
CA ALA A 51 14.47 -12.20 2.88
C ALA A 51 13.56 -12.07 1.65
N LEU A 52 12.79 -10.97 1.57
CA LEU A 52 11.94 -10.77 0.41
C LEU A 52 12.77 -10.53 -0.84
N ARG A 53 13.82 -9.72 -0.74
CA ARG A 53 14.71 -9.49 -1.88
C ARG A 53 15.41 -10.78 -2.30
N ASP A 54 15.81 -11.60 -1.33
CA ASP A 54 16.48 -12.86 -1.65
C ASP A 54 15.54 -13.80 -2.41
N THR A 55 14.27 -13.83 -2.02
CA THR A 55 13.33 -14.78 -2.62
C THR A 55 12.97 -14.38 -4.05
N VAL A 56 12.83 -13.09 -4.32
CA VAL A 56 12.43 -12.64 -5.65
C VAL A 56 13.61 -12.42 -6.58
N GLY A 57 14.81 -12.23 -6.06
CA GLY A 57 16.00 -12.06 -6.88
C GLY A 57 16.07 -10.70 -7.53
N PRO A 58 17.17 -10.43 -8.24
CA PRO A 58 17.34 -9.11 -8.87
C PRO A 58 16.33 -8.81 -9.96
N GLY A 59 15.53 -9.78 -10.38
CA GLY A 59 14.49 -9.52 -11.37
C GLY A 59 13.19 -9.11 -10.72
N GLY A 60 13.06 -9.35 -9.41
CA GLY A 60 11.85 -9.03 -8.69
C GLY A 60 11.84 -7.60 -8.15
N THR A 61 10.73 -7.27 -7.49
CA THR A 61 10.54 -5.94 -6.92
C THR A 61 9.74 -6.08 -5.62
N VAL A 62 10.18 -5.37 -4.59
CA VAL A 62 9.52 -5.37 -3.30
C VAL A 62 8.86 -4.01 -3.10
N LEU A 63 7.58 -4.02 -2.72
CA LEU A 63 6.79 -2.81 -2.62
C LEU A 63 6.08 -2.74 -1.28
N ALA A 64 5.75 -1.52 -0.87
CA ALA A 64 4.98 -1.28 0.33
C ALA A 64 4.20 0.02 0.18
N TYR A 65 3.16 0.17 0.99
CA TYR A 65 2.33 1.37 0.98
C TYR A 65 2.98 2.40 1.90
N ALA A 66 3.43 3.51 1.31
CA ALA A 66 4.14 4.53 2.07
C ALA A 66 3.19 5.56 2.68
N ASP A 67 2.25 6.07 1.89
CA ASP A 67 1.35 7.15 2.31
C ASP A 67 2.22 8.36 2.69
N TRP A 68 1.84 9.15 3.69
CA TRP A 68 2.57 10.36 4.03
C TRP A 68 2.19 10.79 5.43
N GLU A 69 3.19 11.23 6.20
CA GLU A 69 2.97 11.71 7.57
C GLU A 69 2.64 13.20 7.48
N ALA A 70 1.35 13.52 7.42
CA ALA A 70 0.86 14.89 7.27
C ALA A 70 -0.27 15.10 8.28
N ARG A 71 0.08 15.60 9.46
CA ARG A 71 -0.89 15.84 10.52
C ARG A 71 -1.67 17.14 10.33
N TYR A 72 -1.49 17.84 9.22
CA TYR A 72 -2.16 19.11 8.99
C TYR A 72 -3.61 18.95 8.55
N GLU A 73 -4.13 17.72 8.48
CA GLU A 73 -5.51 17.50 8.07
C GLU A 73 -6.51 17.85 9.16
N ASP A 74 -6.07 18.14 10.37
CA ASP A 74 -6.97 18.61 11.41
C ASP A 74 -7.22 20.11 11.35
N LEU A 75 -6.53 20.83 10.47
CA LEU A 75 -6.64 22.27 10.38
C LEU A 75 -7.41 22.74 9.15
N VAL A 76 -7.80 21.83 8.26
CA VAL A 76 -8.53 22.22 7.06
C VAL A 76 -9.99 22.48 7.40
N ASP A 77 -10.58 23.45 6.71
CA ASP A 77 -11.97 23.82 6.96
C ASP A 77 -12.93 22.80 6.37
N ASP A 78 -13.69 23.21 5.35
CA ASP A 78 -14.64 22.33 4.69
C ASP A 78 -14.43 22.20 3.20
N ALA A 79 -13.65 23.08 2.58
CA ALA A 79 -13.24 22.92 1.19
C ALA A 79 -11.90 22.23 1.04
N GLY A 80 -11.25 21.88 2.15
CA GLY A 80 -10.01 21.12 2.11
C GLY A 80 -8.74 21.94 1.98
N ARG A 81 -8.83 23.27 1.98
CA ARG A 81 -7.65 24.12 1.91
C ARG A 81 -7.12 24.39 3.31
N VAL A 82 -5.94 24.99 3.37
CA VAL A 82 -5.26 25.28 4.64
C VAL A 82 -5.42 26.77 4.94
N PRO A 83 -5.85 27.14 6.15
CA PRO A 83 -6.00 28.56 6.45
C PRO A 83 -4.69 29.30 6.25
N PRO A 84 -4.75 30.59 5.91
CA PRO A 84 -3.51 31.30 5.52
C PRO A 84 -2.50 31.43 6.65
N GLU A 85 -2.91 31.34 7.90
CA GLU A 85 -1.97 31.44 9.01
C GLU A 85 -1.13 30.18 9.19
N TRP A 86 -1.55 29.06 8.62
CA TRP A 86 -0.86 27.78 8.79
C TRP A 86 -0.12 27.33 7.55
N ARG A 87 -0.27 28.02 6.42
CA ARG A 87 0.21 27.50 5.14
C ARG A 87 1.72 27.26 5.15
N GLU A 88 2.49 28.33 5.36
CA GLU A 88 3.94 28.24 5.32
C GLU A 88 4.54 27.50 6.53
N HIS A 89 3.71 27.03 7.46
CA HIS A 89 4.18 26.18 8.53
C HIS A 89 4.06 24.71 8.22
N VAL A 90 3.17 24.34 7.31
CA VAL A 90 2.99 22.94 6.93
C VAL A 90 4.19 22.48 6.11
N PRO A 91 4.86 21.39 6.49
CA PRO A 91 5.99 20.90 5.70
C PRO A 91 5.52 20.38 4.36
N PRO A 92 6.10 20.88 3.26
CA PRO A 92 5.67 20.41 1.94
C PRO A 92 6.12 18.98 1.69
N PHE A 93 5.46 18.36 0.71
CA PHE A 93 5.75 16.97 0.37
C PHE A 93 6.98 16.88 -0.52
N ASP A 94 7.97 16.12 -0.10
CA ASP A 94 9.13 15.78 -0.92
C ASP A 94 9.16 14.27 -1.03
N PRO A 95 9.00 13.69 -2.22
CA PRO A 95 8.97 12.23 -2.34
C PRO A 95 10.23 11.54 -1.85
N GLN A 96 11.36 12.24 -1.80
CA GLN A 96 12.61 11.66 -1.36
C GLN A 96 12.89 11.87 0.13
N ARG A 97 12.16 12.77 0.79
CA ARG A 97 12.41 13.07 2.19
C ARG A 97 11.19 12.95 3.10
N SER A 98 9.98 13.00 2.55
CA SER A 98 8.79 12.87 3.39
C SER A 98 8.70 11.47 3.97
N ARG A 99 8.52 11.39 5.28
CA ARG A 99 8.40 10.10 5.94
C ARG A 99 7.14 9.37 5.50
N ALA A 100 7.24 8.05 5.38
CA ALA A 100 6.06 7.23 5.21
C ALA A 100 5.25 7.23 6.52
N ILE A 101 3.94 7.06 6.39
CA ILE A 101 3.11 6.95 7.57
C ILE A 101 3.46 5.65 8.30
N ARG A 102 3.29 5.67 9.63
CA ARG A 102 3.64 4.52 10.45
C ARG A 102 2.43 4.01 11.24
N ASP A 103 1.22 4.32 10.78
CA ASP A 103 0.02 3.83 11.45
C ASP A 103 -0.05 2.30 11.40
N ASN A 104 0.25 1.72 10.24
CA ASN A 104 0.12 0.28 10.02
C ASN A 104 1.47 -0.43 10.05
N GLY A 105 2.40 0.04 10.88
CA GLY A 105 3.69 -0.61 11.03
C GLY A 105 4.83 0.25 10.54
N VAL A 106 6.03 -0.19 10.91
CA VAL A 106 7.26 0.55 10.60
C VAL A 106 7.95 0.08 9.33
N LEU A 107 7.52 -1.04 8.74
CA LEU A 107 8.22 -1.58 7.58
C LEU A 107 8.22 -0.65 6.37
N PRO A 108 7.14 0.02 5.99
CA PRO A 108 7.22 0.94 4.84
C PRO A 108 8.30 2.00 4.98
N GLU A 109 8.47 2.56 6.18
CA GLU A 109 9.52 3.55 6.38
C GLU A 109 10.90 2.91 6.32
N PHE A 110 11.04 1.71 6.89
CA PHE A 110 12.30 0.98 6.75
C PHE A 110 12.61 0.69 5.29
N LEU A 111 11.60 0.31 4.52
CA LEU A 111 11.79 0.09 3.09
C LEU A 111 12.12 1.39 2.36
N ARG A 112 11.46 2.48 2.74
CA ARG A 112 11.68 3.76 2.08
C ARG A 112 13.12 4.23 2.25
N THR A 113 13.71 3.98 3.42
CA THR A 113 15.07 4.40 3.71
C THR A 113 16.11 3.35 3.36
N THR A 114 15.72 2.26 2.71
CA THR A 114 16.69 1.30 2.21
C THR A 114 17.32 1.85 0.92
N PRO A 115 18.65 1.85 0.81
CA PRO A 115 19.28 2.44 -0.38
C PRO A 115 18.79 1.79 -1.67
N GLY A 116 18.38 2.64 -2.61
CA GLY A 116 17.86 2.21 -3.89
C GLY A 116 16.35 2.30 -4.02
N THR A 117 15.63 2.44 -2.90
CA THR A 117 14.17 2.47 -2.95
C THR A 117 13.68 3.78 -3.54
N LEU A 118 12.67 3.68 -4.40
CA LEU A 118 12.03 4.84 -5.01
C LEU A 118 10.62 5.01 -4.45
N ARG A 119 10.17 6.27 -4.40
CA ARG A 119 8.87 6.62 -3.86
C ARG A 119 8.11 7.46 -4.87
N SER A 120 6.81 7.18 -5.03
CA SER A 120 6.02 7.81 -6.06
C SER A 120 5.57 9.21 -5.63
N GLY A 121 4.93 9.92 -6.56
CA GLY A 121 4.65 11.33 -6.40
C GLY A 121 3.36 11.71 -5.71
N ASN A 122 2.36 10.84 -5.72
CA ASN A 122 1.11 11.11 -5.03
C ASN A 122 1.31 10.90 -3.53
N PRO A 123 1.31 11.97 -2.72
CA PRO A 123 1.70 11.83 -1.31
C PRO A 123 0.85 10.84 -0.53
N GLY A 124 -0.47 11.03 -0.52
CA GLY A 124 -1.34 10.18 0.27
C GLY A 124 -1.44 8.75 -0.23
N ALA A 125 -1.18 8.52 -1.52
CA ALA A 125 -1.29 7.20 -2.12
C ALA A 125 0.07 6.65 -2.55
N SER A 126 1.16 7.22 -2.04
CA SER A 126 2.49 6.85 -2.53
C SER A 126 2.84 5.43 -2.13
N LEU A 127 3.50 4.73 -3.05
CA LEU A 127 4.09 3.42 -2.81
C LEU A 127 5.61 3.54 -2.89
N VAL A 128 6.29 2.70 -2.12
CA VAL A 128 7.74 2.55 -2.22
C VAL A 128 8.04 1.28 -2.99
N ALA A 129 9.05 1.32 -3.83
CA ALA A 129 9.43 0.18 -4.65
C ALA A 129 10.95 0.02 -4.63
N LEU A 130 11.40 -1.22 -4.52
CA LEU A 130 12.83 -1.53 -4.49
C LEU A 130 13.07 -2.74 -5.38
N GLY A 131 13.80 -2.54 -6.48
CA GLY A 131 14.11 -3.65 -7.36
C GLY A 131 14.10 -3.33 -8.83
N ALA A 132 13.78 -4.35 -9.65
CA ALA A 132 13.98 -4.24 -11.09
C ALA A 132 13.07 -3.18 -11.71
N LYS A 133 11.78 -3.19 -11.35
CA LYS A 133 10.80 -2.31 -11.95
C LYS A 133 10.39 -1.17 -11.02
N ALA A 134 11.29 -0.78 -10.11
CA ALA A 134 10.97 0.30 -9.17
C ALA A 134 10.75 1.62 -9.88
N GLU A 135 11.46 1.87 -10.98
CA GLU A 135 11.28 3.12 -11.71
C GLU A 135 9.89 3.20 -12.32
N TRP A 136 9.45 2.12 -12.98
CA TRP A 136 8.14 2.13 -13.63
C TRP A 136 7.02 2.13 -12.59
N PHE A 137 7.22 1.43 -11.47
CA PHE A 137 6.17 1.35 -10.45
C PHE A 137 5.91 2.69 -9.78
N THR A 138 6.88 3.60 -9.79
CA THR A 138 6.75 4.87 -9.09
C THR A 138 6.73 6.08 -10.01
N ALA A 139 6.81 5.88 -11.33
CA ALA A 139 6.85 6.99 -12.26
C ALA A 139 5.44 7.48 -12.61
N ASP A 140 5.30 8.80 -12.68
CA ASP A 140 4.10 9.45 -13.21
C ASP A 140 2.84 9.02 -12.45
N HIS A 141 2.91 9.10 -11.14
CA HIS A 141 1.74 8.80 -10.31
C HIS A 141 0.70 9.91 -10.45
N PRO A 142 -0.48 9.64 -10.98
CA PRO A 142 -1.48 10.72 -11.12
C PRO A 142 -1.91 11.24 -9.75
N LEU A 143 -1.88 12.56 -9.61
CA LEU A 143 -2.16 13.17 -8.31
C LEU A 143 -3.63 13.09 -7.95
N ASP A 144 -4.51 13.23 -8.94
CA ASP A 144 -5.95 13.09 -8.71
C ASP A 144 -6.35 11.64 -8.94
N TYR A 145 -7.17 11.12 -8.03
CA TYR A 145 -7.58 9.72 -8.03
C TYR A 145 -6.36 8.80 -8.13
N GLY A 146 -5.52 8.88 -7.09
CA GLY A 146 -4.25 8.16 -7.06
C GLY A 146 -4.35 6.67 -6.81
N TYR A 147 -5.56 6.13 -6.65
CA TYR A 147 -5.77 4.70 -6.51
C TYR A 147 -6.41 4.10 -7.76
N GLY A 148 -6.32 4.79 -8.88
CA GLY A 148 -7.04 4.39 -10.07
C GLY A 148 -6.20 3.91 -11.24
N GLU A 149 -6.45 4.51 -12.42
CA GLU A 149 -5.99 3.91 -13.67
C GLU A 149 -4.47 3.94 -13.80
N GLY A 150 -3.86 5.10 -13.62
CA GLY A 150 -2.43 5.21 -13.85
C GLY A 150 -1.57 4.96 -12.62
N SER A 151 -2.16 4.35 -11.61
CA SER A 151 -1.56 4.26 -10.29
C SER A 151 -0.62 3.06 -10.18
N PRO A 152 0.32 3.11 -9.23
CA PRO A 152 1.15 1.92 -8.96
C PRO A 152 0.34 0.69 -8.61
N LEU A 153 -0.79 0.84 -7.92
CA LEU A 153 -1.65 -0.29 -7.63
C LEU A 153 -2.21 -0.91 -8.90
N ALA A 154 -2.46 -0.09 -9.93
CA ALA A 154 -2.89 -0.63 -11.21
C ALA A 154 -1.71 -1.27 -11.95
N LYS A 155 -0.53 -0.67 -11.84
CA LYS A 155 0.65 -1.27 -12.45
C LYS A 155 1.02 -2.59 -11.79
N LEU A 156 0.73 -2.75 -10.50
CA LEU A 156 0.97 -4.03 -9.83
C LEU A 156 0.04 -5.11 -10.38
N VAL A 157 -1.22 -4.76 -10.66
CA VAL A 157 -2.14 -5.70 -11.26
C VAL A 157 -1.71 -6.06 -12.67
N GLU A 158 -1.28 -5.05 -13.44
CA GLU A 158 -0.89 -5.28 -14.82
C GLU A 158 0.33 -6.17 -14.91
N ALA A 159 1.29 -6.00 -14.00
CA ALA A 159 2.52 -6.78 -14.01
C ALA A 159 2.34 -8.18 -13.42
N GLY A 160 1.14 -8.54 -12.99
CA GLY A 160 0.95 -9.83 -12.36
C GLY A 160 1.60 -9.94 -10.99
N GLY A 161 1.59 -8.86 -10.22
CA GLY A 161 2.22 -8.85 -8.92
C GLY A 161 1.42 -9.62 -7.88
N LYS A 162 1.96 -9.64 -6.67
CA LYS A 162 1.34 -10.32 -5.55
C LYS A 162 1.35 -9.41 -4.33
N VAL A 163 0.45 -9.69 -3.39
CA VAL A 163 0.34 -8.97 -2.13
C VAL A 163 0.48 -9.98 -1.00
N LEU A 164 1.32 -9.65 -0.02
CA LEU A 164 1.58 -10.53 1.11
C LEU A 164 1.15 -9.85 2.40
N MET A 165 0.23 -10.48 3.12
CA MET A 165 -0.19 -9.99 4.44
C MET A 165 0.63 -10.73 5.47
N LEU A 166 1.75 -10.14 5.86
CA LEU A 166 2.70 -10.77 6.79
C LEU A 166 2.26 -10.48 8.22
N GLY A 167 1.24 -11.21 8.66
CA GLY A 167 0.71 -11.06 10.00
C GLY A 167 -0.12 -9.81 10.22
N ALA A 168 -0.22 -8.94 9.22
CA ALA A 168 -1.00 -7.73 9.34
C ALA A 168 -2.49 -8.05 9.32
N PRO A 169 -3.32 -7.19 9.90
CA PRO A 169 -4.77 -7.38 9.77
C PRO A 169 -5.20 -7.27 8.32
N LEU A 170 -6.17 -8.10 7.94
CA LEU A 170 -6.56 -8.23 6.55
C LEU A 170 -7.23 -6.97 6.01
N ASP A 171 -7.73 -6.09 6.87
CA ASP A 171 -8.40 -4.87 6.42
C ASP A 171 -7.42 -3.80 5.96
N THR A 172 -6.11 -4.03 6.06
CA THR A 172 -5.12 -3.04 5.69
C THR A 172 -4.60 -3.22 4.25
N LEU A 173 -5.18 -4.14 3.49
CA LEU A 173 -4.77 -4.38 2.12
C LEU A 173 -5.10 -3.14 1.28
N THR A 174 -4.06 -2.40 0.87
CA THR A 174 -4.28 -1.15 0.16
C THR A 174 -4.83 -1.38 -1.26
N LEU A 175 -4.45 -2.49 -1.90
CA LEU A 175 -4.87 -2.74 -3.27
C LEU A 175 -6.38 -2.83 -3.41
N LEU A 176 -7.10 -3.16 -2.33
CA LEU A 176 -8.55 -3.19 -2.40
C LEU A 176 -9.16 -1.81 -2.58
N HIS A 177 -8.42 -0.75 -2.24
CA HIS A 177 -8.85 0.60 -2.59
C HIS A 177 -8.86 0.80 -4.10
N HIS A 178 -7.94 0.13 -4.81
CA HIS A 178 -7.99 0.13 -6.27
C HIS A 178 -9.24 -0.58 -6.77
N ALA A 179 -9.69 -1.62 -6.07
CA ALA A 179 -10.96 -2.27 -6.42
C ALA A 179 -12.14 -1.34 -6.15
N GLU A 180 -12.06 -0.56 -5.08
CA GLU A 180 -13.12 0.40 -4.77
C GLU A 180 -13.21 1.46 -5.86
N HIS A 181 -12.06 1.96 -6.32
CA HIS A 181 -12.06 2.95 -7.40
C HIS A 181 -12.66 2.37 -8.68
N LEU A 182 -12.35 1.11 -8.98
CA LEU A 182 -12.82 0.51 -10.22
C LEU A 182 -14.29 0.08 -10.14
N ALA A 183 -14.80 -0.20 -8.94
CA ALA A 183 -16.14 -0.73 -8.80
C ALA A 183 -17.17 0.23 -9.36
N ASP A 184 -18.00 -0.28 -10.27
CA ASP A 184 -19.07 0.50 -10.90
C ASP A 184 -20.29 0.44 -9.99
N ILE A 185 -20.28 1.27 -8.96
CA ILE A 185 -21.38 1.29 -7.99
C ILE A 185 -21.79 2.74 -7.71
N PRO A 186 -22.95 2.97 -7.07
CA PRO A 186 -23.36 4.35 -6.81
C PRO A 186 -23.10 4.79 -5.38
N GLY A 187 -23.14 6.11 -5.17
CA GLY A 187 -22.94 6.65 -3.84
C GLY A 187 -21.50 6.61 -3.38
N LYS A 188 -20.56 6.75 -4.29
CA LYS A 188 -19.15 6.74 -3.93
C LYS A 188 -18.77 8.02 -3.21
N ARG A 189 -18.16 7.89 -2.04
CA ARG A 189 -17.73 9.06 -1.28
C ARG A 189 -16.42 9.60 -1.81
N ILE A 190 -16.24 10.91 -1.70
CA ILE A 190 -15.11 11.62 -2.27
C ILE A 190 -14.45 12.46 -1.19
N LYS A 191 -13.11 12.49 -1.20
CA LYS A 191 -12.33 13.30 -0.28
C LYS A 191 -11.56 14.33 -1.09
N ARG A 192 -11.61 15.59 -0.65
CA ARG A 192 -10.87 16.67 -1.27
C ARG A 192 -9.99 17.35 -0.23
N ILE A 193 -8.75 17.66 -0.63
CA ILE A 193 -7.77 18.23 0.28
C ILE A 193 -6.71 18.93 -0.55
N GLU A 194 -6.15 20.01 -0.01
CA GLU A 194 -5.03 20.71 -0.62
C GLU A 194 -3.72 20.21 -0.03
N VAL A 195 -2.73 20.03 -0.89
CA VAL A 195 -1.46 19.43 -0.48
C VAL A 195 -0.30 20.33 -0.90
N PRO A 196 0.63 20.64 0.01
CA PRO A 196 1.82 21.41 -0.38
C PRO A 196 2.87 20.51 -1.01
N PHE A 197 3.43 20.95 -2.12
CA PHE A 197 4.46 20.22 -2.84
C PHE A 197 5.74 21.02 -2.88
N ALA A 198 6.87 20.34 -2.70
CA ALA A 198 8.19 20.97 -2.76
C ALA A 198 8.70 20.91 -4.20
N THR A 199 8.96 22.08 -4.77
CA THR A 199 9.50 22.22 -6.11
C THR A 199 10.80 23.01 -6.06
N PRO A 200 11.67 22.90 -7.08
CA PRO A 200 12.94 23.63 -7.06
C PRO A 200 12.81 25.15 -7.01
N THR A 201 11.58 25.67 -6.94
CA THR A 201 11.35 27.10 -6.86
C THR A 201 10.60 27.53 -5.60
N GLY A 202 10.15 26.60 -4.77
CA GLY A 202 9.46 26.92 -3.54
C GLY A 202 8.30 25.98 -3.32
N THR A 203 7.42 26.35 -2.38
CA THR A 203 6.24 25.55 -2.09
C THR A 203 5.12 25.91 -3.05
N GLN A 204 4.57 24.90 -3.72
CA GLN A 204 3.44 25.07 -4.62
C GLN A 204 2.29 24.22 -4.14
N TRP A 205 1.14 24.85 -3.93
CA TRP A 205 -0.04 24.18 -3.40
C TRP A 205 -0.91 23.65 -4.54
N ARG A 206 -1.73 22.66 -4.21
CA ARG A 206 -2.55 21.99 -5.21
C ARG A 206 -3.66 21.21 -4.52
N MET A 207 -4.83 21.20 -5.14
CA MET A 207 -5.97 20.45 -4.63
C MET A 207 -5.93 19.02 -5.16
N ILE A 208 -6.23 18.06 -4.28
CA ILE A 208 -6.23 16.65 -4.61
C ILE A 208 -7.67 16.13 -4.51
N GLU A 209 -8.10 15.39 -5.52
CA GLU A 209 -9.40 14.74 -5.51
C GLU A 209 -9.21 13.24 -5.73
N GLU A 210 -9.89 12.44 -4.91
CA GLU A 210 -9.85 10.99 -5.03
C GLU A 210 -11.04 10.44 -4.25
N PHE A 211 -11.37 9.18 -4.51
CA PHE A 211 -12.37 8.50 -3.70
C PHE A 211 -11.83 8.33 -2.29
N ASP A 212 -12.65 8.66 -1.29
CA ASP A 212 -12.22 8.69 0.09
C ASP A 212 -11.83 7.29 0.56
N THR A 213 -10.54 7.09 0.83
CA THR A 213 -10.03 5.82 1.33
C THR A 213 -9.91 5.79 2.85
N GLY A 214 -10.32 6.86 3.54
CA GLY A 214 -10.38 6.83 4.99
C GLY A 214 -11.57 6.10 5.55
N ASP A 215 -12.53 5.76 4.71
CA ASP A 215 -13.72 5.03 5.11
C ASP A 215 -14.13 4.14 3.94
N PRO A 216 -15.05 3.18 4.18
CA PRO A 216 -15.60 2.41 3.06
C PRO A 216 -16.12 3.34 1.96
N ILE A 217 -15.97 2.90 0.72
CA ILE A 217 -16.26 3.77 -0.42
C ILE A 217 -17.74 4.13 -0.46
N VAL A 218 -18.62 3.29 0.08
CA VAL A 218 -20.05 3.55 0.10
C VAL A 218 -20.58 3.29 1.50
N ALA A 219 -21.78 3.80 1.76
CA ALA A 219 -22.43 3.61 3.05
C ALA A 219 -22.97 2.19 3.19
N GLY A 220 -23.09 1.74 4.43
CA GLY A 220 -23.60 0.43 4.72
C GLY A 220 -22.54 -0.65 4.92
N LEU A 221 -21.27 -0.29 4.98
CA LEU A 221 -20.19 -1.24 5.15
C LEU A 221 -19.47 -0.97 6.46
N ALA A 222 -19.18 -2.03 7.21
CA ALA A 222 -18.31 -1.90 8.37
C ALA A 222 -16.93 -1.43 7.92
N GLU A 223 -16.26 -0.67 8.79
CA GLU A 223 -15.00 -0.05 8.40
C GLU A 223 -13.87 -1.04 8.17
N ASP A 224 -14.01 -2.27 8.69
CA ASP A 224 -13.01 -3.31 8.47
C ASP A 224 -13.47 -4.34 7.44
N TYR A 225 -14.40 -3.97 6.56
CA TYR A 225 -15.01 -4.93 5.64
C TYR A 225 -14.03 -5.47 4.61
N PHE A 226 -12.85 -4.87 4.47
CA PHE A 226 -11.82 -5.45 3.61
C PHE A 226 -11.41 -6.83 4.11
N ALA A 227 -11.41 -7.04 5.44
CA ALA A 227 -11.04 -8.34 5.99
C ALA A 227 -12.03 -9.42 5.60
N GLY A 228 -13.31 -9.09 5.46
CA GLY A 228 -14.28 -10.08 5.01
C GLY A 228 -14.08 -10.47 3.56
N ILE A 229 -13.72 -9.50 2.71
CA ILE A 229 -13.47 -9.80 1.31
C ILE A 229 -12.28 -10.75 1.18
N VAL A 230 -11.22 -10.51 1.94
CA VAL A 230 -10.06 -11.39 1.90
C VAL A 230 -10.42 -12.77 2.42
N THR A 231 -11.23 -12.84 3.48
CA THR A 231 -11.64 -14.13 4.02
C THR A 231 -12.45 -14.92 3.01
N GLU A 232 -13.40 -14.26 2.33
CA GLU A 232 -14.18 -14.94 1.29
C GLU A 232 -13.27 -15.36 0.13
N PHE A 233 -12.29 -14.51 -0.21
CA PHE A 233 -11.38 -14.85 -1.29
C PHE A 233 -10.58 -16.12 -0.97
N LEU A 234 -10.10 -16.22 0.27
CA LEU A 234 -9.37 -17.43 0.68
C LEU A 234 -10.30 -18.62 0.79
N ALA A 235 -11.51 -18.41 1.34
CA ALA A 235 -12.46 -19.50 1.49
C ALA A 235 -12.90 -20.07 0.15
N SER A 236 -12.79 -19.29 -0.92
CA SER A 236 -13.13 -19.76 -2.26
C SER A 236 -12.03 -20.58 -2.89
N GLY A 237 -10.97 -20.91 -2.15
CA GLY A 237 -9.89 -21.71 -2.66
C GLY A 237 -8.81 -20.95 -3.41
N GLN A 238 -8.78 -19.62 -3.31
CA GLN A 238 -7.77 -18.81 -3.97
C GLN A 238 -6.81 -18.24 -2.93
N GLY A 239 -5.58 -17.94 -3.38
CA GLY A 239 -4.54 -17.51 -2.47
C GLY A 239 -3.93 -18.68 -1.73
N ARG A 240 -2.93 -18.36 -0.89
CA ARG A 240 -2.25 -19.34 -0.04
C ARG A 240 -2.05 -18.78 1.35
N GLN A 241 -2.12 -19.68 2.34
CA GLN A 241 -1.93 -19.31 3.74
C GLN A 241 -0.77 -20.11 4.32
N GLY A 242 -0.13 -19.56 5.34
CA GLY A 242 1.01 -20.21 5.96
C GLY A 242 1.74 -19.26 6.85
N LEU A 243 2.73 -19.81 7.55
CA LEU A 243 3.51 -19.05 8.51
C LEU A 243 4.75 -18.45 7.85
N ILE A 244 5.01 -17.18 8.17
CA ILE A 244 6.27 -16.51 7.84
C ILE A 244 6.93 -16.18 9.17
N GLY A 245 7.96 -16.95 9.52
CA GLY A 245 8.46 -16.93 10.88
C GLY A 245 7.41 -17.48 11.81
N ALA A 246 6.99 -16.70 12.79
CA ALA A 246 5.89 -17.09 13.68
C ALA A 246 4.59 -16.34 13.36
N ALA A 247 4.50 -15.75 12.17
CA ALA A 247 3.37 -14.91 11.81
C ALA A 247 2.45 -15.62 10.83
N PRO A 248 1.17 -15.76 11.15
CA PRO A 248 0.21 -16.27 10.16
C PRO A 248 0.07 -15.28 9.01
N SER A 249 0.40 -15.73 7.81
CA SER A 249 0.49 -14.84 6.65
C SER A 249 -0.45 -15.30 5.54
N VAL A 250 -0.75 -14.36 4.64
CA VAL A 250 -1.61 -14.60 3.48
C VAL A 250 -0.92 -14.03 2.26
N LEU A 251 -0.94 -14.79 1.16
CA LEU A 251 -0.37 -14.37 -0.12
C LEU A 251 -1.42 -14.51 -1.20
N VAL A 252 -1.65 -13.42 -1.95
CA VAL A 252 -2.69 -13.38 -2.97
C VAL A 252 -2.14 -12.79 -4.25
N ASP A 253 -2.76 -13.16 -5.36
CA ASP A 253 -2.44 -12.59 -6.66
C ASP A 253 -3.13 -11.25 -6.82
N ALA A 254 -2.38 -10.24 -7.25
CA ALA A 254 -2.89 -8.87 -7.26
C ALA A 254 -4.07 -8.72 -8.21
N ALA A 255 -3.96 -9.28 -9.42
CA ALA A 255 -5.04 -9.15 -10.39
C ALA A 255 -6.28 -9.91 -9.95
N ALA A 256 -6.09 -11.04 -9.25
CA ALA A 256 -7.23 -11.85 -8.83
C ALA A 256 -8.00 -11.18 -7.69
N ILE A 257 -7.28 -10.71 -6.67
CA ILE A 257 -7.94 -10.10 -5.52
C ILE A 257 -8.61 -8.79 -5.90
N THR A 258 -8.07 -8.08 -6.90
CA THR A 258 -8.70 -6.85 -7.36
C THR A 258 -10.01 -7.15 -8.07
N ALA A 259 -9.99 -8.09 -9.01
CA ALA A 259 -11.22 -8.47 -9.71
C ALA A 259 -12.25 -9.06 -8.76
N PHE A 260 -11.78 -9.84 -7.78
CA PHE A 260 -12.69 -10.36 -6.76
C PHE A 260 -13.27 -9.23 -5.91
N GLY A 261 -12.46 -8.21 -5.63
CA GLY A 261 -12.95 -7.09 -4.83
C GLY A 261 -13.96 -6.25 -5.58
N VAL A 262 -13.74 -6.02 -6.87
CA VAL A 262 -14.70 -5.26 -7.68
C VAL A 262 -16.02 -6.01 -7.77
N THR A 263 -15.95 -7.32 -8.07
CA THR A 263 -17.16 -8.12 -8.18
C THR A 263 -17.89 -8.21 -6.84
N TRP A 264 -17.14 -8.28 -5.74
CA TRP A 264 -17.77 -8.25 -4.42
C TRP A 264 -18.60 -6.99 -4.22
N LEU A 265 -18.11 -5.86 -4.76
CA LEU A 265 -18.83 -4.60 -4.58
C LEU A 265 -19.97 -4.44 -5.59
N GLU A 266 -19.74 -4.84 -6.84
CA GLU A 266 -20.76 -4.69 -7.87
C GLU A 266 -21.94 -5.65 -7.68
N LYS A 267 -21.81 -6.64 -6.80
CA LYS A 267 -22.91 -7.56 -6.52
C LYS A 267 -23.83 -7.02 -5.42
N ARG A 268 -23.24 -6.51 -4.33
CA ARG A 268 -24.03 -5.99 -3.22
C ARG A 268 -24.55 -4.58 -3.48
N PHE A 269 -23.94 -3.83 -4.39
CA PHE A 269 -24.39 -2.49 -4.72
C PHE A 269 -24.38 -2.31 -6.22
N GLY A 270 -25.20 -1.37 -6.69
CA GLY A 270 -25.25 -1.05 -8.11
C GLY A 270 -25.80 -2.17 -8.97
N THR A 271 -25.61 -1.99 -10.28
CA THR A 271 -26.08 -2.95 -11.26
C THR A 271 -25.07 -3.09 -12.39
#